data_7YRV
#
_entry.id   7YRV
#
_entity_poly.entity_id   1
_entity_poly.type   'polypeptide(L)'
_entity_poly.pdbx_seq_one_letter_code
;GCPRACETWCNAQMTCVGIAEHVCPELC
;
_entity_poly.pdbx_strand_id   A
#
# COMPACT_ATOMS: atom_id res chain seq x y z
N GLY A 1 6.39 -2.07 -8.32
CA GLY A 1 5.79 -0.80 -7.87
C GLY A 1 5.76 -0.68 -6.37
N CYS A 2 4.65 -0.18 -5.83
CA CYS A 2 4.50 -0.01 -4.39
C CYS A 2 4.52 -1.38 -3.69
N PRO A 3 4.92 -1.42 -2.40
CA PRO A 3 5.26 -2.66 -1.66
C PRO A 3 4.31 -3.86 -1.85
N ARG A 4 4.83 -5.00 -1.39
CA ARG A 4 4.22 -6.32 -1.60
C ARG A 4 2.70 -6.36 -1.47
N ALA A 5 2.18 -5.93 -0.33
CA ALA A 5 0.76 -6.05 -0.06
C ALA A 5 0.00 -4.88 -0.63
N CYS A 6 0.73 -3.84 -0.97
CA CYS A 6 0.12 -2.59 -1.39
C CYS A 6 -0.54 -2.71 -2.76
N GLU A 7 0.08 -3.43 -3.67
CA GLU A 7 -0.47 -3.55 -5.01
C GLU A 7 -1.76 -4.37 -5.01
N THR A 8 -1.91 -5.24 -4.03
CA THR A 8 -3.10 -6.07 -3.92
C THR A 8 -4.11 -5.55 -2.88
N TRP A 9 -3.69 -4.65 -2.00
CA TRP A 9 -4.57 -4.19 -0.92
C TRP A 9 -4.49 -2.68 -0.69
N CYS A 10 -4.13 -1.93 -1.71
CA CYS A 10 -4.03 -0.48 -1.58
C CYS A 10 -4.18 0.21 -2.91
N ASN A 11 -4.89 1.33 -2.91
CA ASN A 11 -5.09 2.12 -4.13
C ASN A 11 -4.17 3.32 -4.14
N ALA A 12 -3.98 3.89 -5.33
CA ALA A 12 -3.01 4.97 -5.55
C ALA A 12 -3.41 6.26 -4.82
N GLN A 13 -4.65 6.32 -4.35
CA GLN A 13 -5.10 7.45 -3.53
C GLN A 13 -4.63 7.29 -2.09
N MET A 14 -3.57 6.51 -1.90
CA MET A 14 -3.07 6.18 -0.56
C MET A 14 -4.18 5.57 0.27
N THR A 15 -4.91 4.66 -0.35
CA THR A 15 -6.01 4.00 0.30
C THR A 15 -5.69 2.52 0.50
N CYS A 16 -4.90 2.25 1.51
CA CYS A 16 -4.53 0.90 1.87
C CYS A 16 -5.55 0.33 2.84
N VAL A 17 -6.05 -0.86 2.56
CA VAL A 17 -7.04 -1.49 3.42
C VAL A 17 -6.39 -2.52 4.34
N GLY A 18 -5.35 -3.18 3.84
CA GLY A 18 -4.70 -4.21 4.61
C GLY A 18 -3.47 -3.70 5.36
N ILE A 19 -2.63 -4.65 5.77
CA ILE A 19 -1.42 -4.37 6.52
C ILE A 19 -0.42 -3.62 5.66
N ALA A 20 -0.65 -3.63 4.35
CA ALA A 20 0.13 -2.87 3.38
C ALA A 20 0.34 -1.44 3.85
N GLU A 21 -0.64 -0.91 4.57
CA GLU A 21 -0.60 0.45 5.06
C GLU A 21 0.57 0.67 6.04
N HIS A 22 1.20 -0.41 6.47
CA HIS A 22 2.27 -0.31 7.44
C HIS A 22 3.55 0.17 6.75
N VAL A 23 3.70 -0.23 5.49
CA VAL A 23 4.88 0.10 4.73
C VAL A 23 4.60 0.97 3.51
N CYS A 24 3.44 0.79 2.87
CA CYS A 24 3.21 1.39 1.57
C CYS A 24 3.21 2.92 1.58
N PRO A 25 2.48 3.60 2.49
CA PRO A 25 2.44 5.07 2.52
C PRO A 25 3.83 5.72 2.52
N GLU A 26 4.83 4.96 2.93
CA GLU A 26 6.20 5.46 2.99
C GLU A 26 6.95 5.22 1.67
N LEU A 27 6.59 4.16 0.94
CA LEU A 27 7.34 3.79 -0.26
C LEU A 27 6.61 4.22 -1.53
N CYS A 28 5.29 4.18 -1.46
CA CYS A 28 4.45 4.41 -2.63
C CYS A 28 4.35 5.90 -2.92
N GLY A 1 8.93 2.71 -5.16
CA GLY A 1 8.22 1.45 -5.47
C GLY A 1 7.22 1.09 -4.41
N CYS A 2 6.09 0.54 -4.80
CA CYS A 2 5.04 0.19 -3.85
C CYS A 2 5.23 -1.24 -3.34
N PRO A 3 5.03 -1.44 -2.04
CA PRO A 3 5.33 -2.71 -1.35
C PRO A 3 4.39 -3.86 -1.70
N ARG A 4 4.79 -5.04 -1.24
CA ARG A 4 4.12 -6.32 -1.51
C ARG A 4 2.59 -6.26 -1.49
N ALA A 5 2.03 -5.80 -0.38
CA ALA A 5 0.59 -5.85 -0.20
C ALA A 5 -0.09 -4.66 -0.83
N CYS A 6 0.69 -3.66 -1.21
CA CYS A 6 0.14 -2.41 -1.72
C CYS A 6 -0.70 -2.64 -2.96
N GLU A 7 -0.20 -3.50 -3.85
CA GLU A 7 -0.88 -3.73 -5.12
C GLU A 7 -2.27 -4.36 -4.92
N THR A 8 -2.44 -5.10 -3.84
CA THR A 8 -3.70 -5.77 -3.58
C THR A 8 -4.54 -5.01 -2.55
N TRP A 9 -3.90 -4.53 -1.49
CA TRP A 9 -4.60 -3.96 -0.35
C TRP A 9 -4.63 -2.44 -0.39
N CYS A 10 -4.25 -1.84 -1.50
CA CYS A 10 -4.26 -0.38 -1.59
C CYS A 10 -4.41 0.05 -3.05
N ASN A 11 -5.16 1.10 -3.28
CA ASN A 11 -5.39 1.60 -4.63
C ASN A 11 -4.53 2.82 -4.92
N ALA A 12 -4.72 3.43 -6.08
CA ALA A 12 -3.94 4.60 -6.48
C ALA A 12 -4.25 5.80 -5.59
N GLN A 13 -5.45 5.83 -5.03
CA GLN A 13 -5.87 6.94 -4.18
C GLN A 13 -5.35 6.78 -2.76
N MET A 14 -4.40 5.87 -2.58
CA MET A 14 -3.73 5.65 -1.30
C MET A 14 -4.66 5.07 -0.25
N THR A 15 -5.77 4.49 -0.69
CA THR A 15 -6.70 3.84 0.21
C THR A 15 -6.18 2.46 0.58
N CYS A 16 -5.25 2.42 1.52
CA CYS A 16 -4.64 1.18 1.94
C CYS A 16 -5.45 0.56 3.08
N VAL A 17 -5.97 -0.63 2.86
CA VAL A 17 -6.81 -1.31 3.84
C VAL A 17 -6.01 -2.25 4.71
N GLY A 18 -5.32 -3.18 4.07
CA GLY A 18 -4.64 -4.25 4.77
C GLY A 18 -3.28 -3.87 5.31
N ILE A 19 -2.48 -4.89 5.60
CA ILE A 19 -1.15 -4.75 6.20
C ILE A 19 -0.24 -3.87 5.35
N ALA A 20 -0.63 -3.67 4.11
CA ALA A 20 0.05 -2.76 3.20
C ALA A 20 0.22 -1.39 3.83
N GLU A 21 -0.74 -1.02 4.68
CA GLU A 21 -0.74 0.29 5.35
C GLU A 21 0.55 0.53 6.12
N HIS A 22 1.25 -0.55 6.47
CA HIS A 22 2.43 -0.43 7.31
C HIS A 22 3.65 -0.08 6.45
N VAL A 23 3.56 -0.39 5.17
CA VAL A 23 4.71 -0.25 4.28
C VAL A 23 4.44 0.77 3.16
N CYS A 24 3.19 0.85 2.70
CA CYS A 24 2.85 1.67 1.52
C CYS A 24 3.31 3.13 1.63
N PRO A 25 2.85 3.91 2.64
CA PRO A 25 3.10 5.36 2.69
C PRO A 25 4.59 5.71 2.63
N GLU A 26 5.43 4.77 2.99
CA GLU A 26 6.87 5.02 3.07
C GLU A 26 7.53 4.95 1.68
N LEU A 27 7.20 3.93 0.90
CA LEU A 27 7.88 3.73 -0.39
C LEU A 27 6.97 3.98 -1.59
N CYS A 28 5.69 3.68 -1.44
CA CYS A 28 4.75 3.78 -2.56
C CYS A 28 4.50 5.24 -2.90
N GLY A 1 9.67 1.42 -5.92
CA GLY A 1 8.25 1.35 -6.29
C GLY A 1 7.37 1.01 -5.11
N CYS A 2 6.15 0.58 -5.37
CA CYS A 2 5.21 0.25 -4.32
C CYS A 2 5.47 -1.15 -3.79
N PRO A 3 5.54 -1.27 -2.44
CA PRO A 3 5.82 -2.52 -1.75
C PRO A 3 4.79 -3.63 -1.99
N ARG A 4 5.14 -4.82 -1.53
CA ARG A 4 4.38 -6.06 -1.75
C ARG A 4 2.86 -5.87 -1.63
N ALA A 5 2.41 -5.31 -0.52
CA ALA A 5 1.01 -5.35 -0.15
C ALA A 5 0.19 -4.28 -0.88
N CYS A 6 0.86 -3.32 -1.50
CA CYS A 6 0.16 -2.24 -2.18
C CYS A 6 -0.75 -2.75 -3.28
N GLU A 7 -0.33 -3.81 -3.96
CA GLU A 7 -1.05 -4.30 -5.11
C GLU A 7 -2.42 -4.88 -4.73
N THR A 8 -2.47 -5.56 -3.59
CA THR A 8 -3.69 -6.24 -3.18
C THR A 8 -4.49 -5.43 -2.16
N TRP A 9 -3.80 -4.75 -1.24
CA TRP A 9 -4.46 -4.19 -0.07
C TRP A 9 -4.48 -2.66 -0.08
N CYS A 10 -4.14 -2.05 -1.20
CA CYS A 10 -4.10 -0.60 -1.26
C CYS A 10 -4.30 -0.11 -2.70
N ASN A 11 -4.77 1.12 -2.85
CA ASN A 11 -4.89 1.74 -4.17
C ASN A 11 -3.80 2.78 -4.39
N ALA A 12 -3.83 3.44 -5.54
CA ALA A 12 -2.83 4.46 -5.86
C ALA A 12 -2.96 5.68 -4.95
N GLN A 13 -4.16 5.89 -4.42
CA GLN A 13 -4.44 7.03 -3.55
C GLN A 13 -3.91 6.76 -2.14
N MET A 14 -3.19 5.65 -1.98
CA MET A 14 -2.58 5.27 -0.70
C MET A 14 -3.64 4.91 0.33
N THR A 15 -4.86 4.65 -0.13
CA THR A 15 -5.92 4.23 0.76
C THR A 15 -5.80 2.73 1.02
N CYS A 16 -4.96 2.39 1.98
CA CYS A 16 -4.66 1.02 2.29
C CYS A 16 -5.63 0.49 3.34
N VAL A 17 -6.38 -0.55 2.99
CA VAL A 17 -7.32 -1.15 3.90
C VAL A 17 -6.67 -2.32 4.66
N GLY A 18 -5.74 -2.99 4.00
CA GLY A 18 -5.09 -4.13 4.58
C GLY A 18 -3.72 -3.81 5.14
N ILE A 19 -2.92 -4.86 5.32
CA ILE A 19 -1.60 -4.77 5.94
C ILE A 19 -0.67 -3.80 5.20
N ALA A 20 -1.04 -3.49 3.97
CA ALA A 20 -0.30 -2.54 3.14
C ALA A 20 -0.11 -1.21 3.85
N GLU A 21 -1.03 -0.89 4.75
CA GLU A 21 -0.99 0.36 5.49
C GLU A 21 0.30 0.49 6.30
N HIS A 22 1.04 -0.60 6.47
CA HIS A 22 2.24 -0.56 7.29
C HIS A 22 3.43 -0.13 6.46
N VAL A 23 3.42 -0.46 5.18
CA VAL A 23 4.59 -0.26 4.34
C VAL A 23 4.34 0.69 3.17
N CYS A 24 3.13 0.66 2.63
CA CYS A 24 2.82 1.38 1.39
C CYS A 24 3.06 2.90 1.46
N PRO A 25 2.47 3.62 2.42
CA PRO A 25 2.47 5.11 2.44
C PRO A 25 3.86 5.73 2.19
N GLU A 26 4.91 5.04 2.61
CA GLU A 26 6.25 5.61 2.57
C GLU A 26 6.96 5.37 1.24
N LEU A 27 6.77 4.20 0.62
CA LEU A 27 7.53 3.88 -0.59
C LEU A 27 6.67 3.85 -1.85
N CYS A 28 5.38 3.65 -1.69
CA CYS A 28 4.48 3.61 -2.83
C CYS A 28 4.29 5.01 -3.41
N GLY A 1 8.28 1.69 -6.77
CA GLY A 1 7.67 0.38 -6.44
C GLY A 1 7.02 0.41 -5.08
N CYS A 2 5.76 0.00 -5.02
CA CYS A 2 5.02 -0.03 -3.78
C CYS A 2 5.16 -1.38 -3.09
N PRO A 3 5.04 -1.41 -1.75
CA PRO A 3 5.21 -2.62 -0.93
C PRO A 3 4.29 -3.78 -1.29
N ARG A 4 4.61 -4.92 -0.66
CA ARG A 4 3.97 -6.22 -0.91
C ARG A 4 2.46 -6.16 -1.11
N ALA A 5 1.75 -5.61 -0.14
CA ALA A 5 0.30 -5.69 -0.13
C ALA A 5 -0.32 -4.56 -0.93
N CYS A 6 0.47 -3.56 -1.26
CA CYS A 6 -0.04 -2.36 -1.93
C CYS A 6 -0.58 -2.68 -3.32
N GLU A 7 -0.12 -3.78 -3.90
CA GLU A 7 -0.60 -4.18 -5.21
C GLU A 7 -2.08 -4.60 -5.15
N THR A 8 -2.47 -5.28 -4.10
CA THR A 8 -3.82 -5.79 -3.96
C THR A 8 -4.67 -4.92 -3.03
N TRP A 9 -4.08 -4.51 -1.91
CA TRP A 9 -4.84 -3.94 -0.80
C TRP A 9 -4.77 -2.42 -0.76
N CYS A 10 -4.49 -1.81 -1.90
CA CYS A 10 -4.43 -0.36 -2.00
C CYS A 10 -5.01 0.09 -3.33
N ASN A 11 -5.81 1.13 -3.31
CA ASN A 11 -6.41 1.65 -4.55
C ASN A 11 -5.69 2.90 -5.02
N ALA A 12 -6.20 3.53 -6.07
CA ALA A 12 -5.57 4.69 -6.68
C ALA A 12 -5.37 5.83 -5.68
N GLN A 13 -6.31 5.96 -4.75
CA GLN A 13 -6.27 7.04 -3.77
C GLN A 13 -5.28 6.73 -2.64
N MET A 14 -4.46 5.70 -2.82
CA MET A 14 -3.40 5.34 -1.88
C MET A 14 -3.96 4.92 -0.53
N THR A 15 -5.25 4.58 -0.51
CA THR A 15 -5.88 4.13 0.71
C THR A 15 -5.67 2.63 0.87
N CYS A 16 -4.81 2.26 1.81
CA CYS A 16 -4.48 0.88 2.02
C CYS A 16 -5.24 0.30 3.20
N VAL A 17 -5.88 -0.85 2.97
CA VAL A 17 -6.68 -1.49 4.00
C VAL A 17 -5.92 -2.67 4.62
N GLY A 18 -5.07 -3.31 3.82
CA GLY A 18 -4.33 -4.46 4.27
C GLY A 18 -3.06 -4.09 5.03
N ILE A 19 -2.16 -5.06 5.16
CA ILE A 19 -0.91 -4.88 5.87
C ILE A 19 -0.03 -3.83 5.20
N ALA A 20 -0.37 -3.50 3.96
CA ALA A 20 0.30 -2.44 3.21
C ALA A 20 0.30 -1.13 3.99
N GLU A 21 -0.67 -0.99 4.88
CA GLU A 21 -0.88 0.23 5.65
C GLU A 21 0.39 0.69 6.37
N HIS A 22 1.26 -0.23 6.75
CA HIS A 22 2.43 0.12 7.55
C HIS A 22 3.66 0.34 6.67
N VAL A 23 3.59 -0.12 5.43
CA VAL A 23 4.76 -0.10 4.57
C VAL A 23 4.58 0.84 3.37
N CYS A 24 3.34 0.96 2.90
CA CYS A 24 3.04 1.74 1.69
C CYS A 24 3.52 3.20 1.80
N PRO A 25 3.15 3.94 2.87
CA PRO A 25 3.51 5.36 3.01
C PRO A 25 5.03 5.61 2.96
N GLU A 26 5.81 4.55 3.11
CA GLU A 26 7.26 4.68 3.13
C GLU A 26 7.84 4.74 1.71
N LEU A 27 7.49 3.78 0.86
CA LEU A 27 8.10 3.70 -0.48
C LEU A 27 7.12 4.03 -1.61
N CYS A 28 5.86 3.70 -1.43
CA CYS A 28 4.88 3.85 -2.50
C CYS A 28 4.65 5.32 -2.83
N GLY A 1 9.39 0.19 -6.81
CA GLY A 1 7.91 0.27 -6.85
C GLY A 1 7.31 0.27 -5.47
N CYS A 2 6.05 -0.11 -5.36
CA CYS A 2 5.37 -0.16 -4.08
C CYS A 2 5.62 -1.49 -3.38
N PRO A 3 5.59 -1.48 -2.03
CA PRO A 3 5.70 -2.69 -1.20
C PRO A 3 4.70 -3.80 -1.56
N ARG A 4 4.93 -4.96 -0.93
CA ARG A 4 4.20 -6.20 -1.20
C ARG A 4 2.69 -6.02 -1.34
N ALA A 5 2.04 -5.48 -0.32
CA ALA A 5 0.60 -5.55 -0.22
C ALA A 5 -0.08 -4.42 -0.97
N CYS A 6 0.68 -3.42 -1.36
CA CYS A 6 0.13 -2.25 -2.03
C CYS A 6 -0.58 -2.64 -3.31
N GLU A 7 -0.14 -3.73 -3.92
CA GLU A 7 -0.71 -4.16 -5.19
C GLU A 7 -2.16 -4.62 -4.99
N THR A 8 -2.43 -5.30 -3.89
CA THR A 8 -3.76 -5.84 -3.64
C THR A 8 -4.57 -4.99 -2.65
N TRP A 9 -3.94 -4.52 -1.58
CA TRP A 9 -4.66 -3.90 -0.47
C TRP A 9 -4.58 -2.38 -0.50
N CYS A 10 -4.23 -1.82 -1.65
CA CYS A 10 -4.13 -0.37 -1.79
C CYS A 10 -4.75 0.08 -3.10
N ASN A 11 -5.35 1.25 -3.07
CA ASN A 11 -5.91 1.87 -4.25
C ASN A 11 -4.96 2.95 -4.76
N ALA A 12 -5.18 3.41 -5.98
CA ALA A 12 -4.30 4.39 -6.61
C ALA A 12 -4.41 5.75 -5.94
N GLN A 13 -5.38 5.89 -5.05
CA GLN A 13 -5.59 7.11 -4.29
C GLN A 13 -4.73 7.14 -3.03
N MET A 14 -3.68 6.33 -3.01
CA MET A 14 -2.75 6.24 -1.88
C MET A 14 -3.47 5.79 -0.61
N THR A 15 -4.53 5.00 -0.80
CA THR A 15 -5.33 4.53 0.31
C THR A 15 -5.20 3.02 0.47
N CYS A 16 -4.81 2.58 1.65
CA CYS A 16 -4.68 1.15 1.92
C CYS A 16 -5.58 0.75 3.08
N VAL A 17 -5.88 -0.54 3.17
CA VAL A 17 -6.77 -1.05 4.19
C VAL A 17 -6.15 -2.25 4.92
N GLY A 18 -5.36 -3.03 4.19
CA GLY A 18 -4.75 -4.23 4.75
C GLY A 18 -3.41 -3.95 5.41
N ILE A 19 -2.64 -5.02 5.59
CA ILE A 19 -1.31 -4.96 6.22
C ILE A 19 -0.39 -4.02 5.45
N ALA A 20 -0.79 -3.74 4.22
CA ALA A 20 -0.11 -2.78 3.36
C ALA A 20 0.21 -1.49 4.08
N GLU A 21 -0.68 -1.09 5.00
CA GLU A 21 -0.55 0.17 5.71
C GLU A 21 0.78 0.27 6.46
N HIS A 22 1.44 -0.87 6.68
CA HIS A 22 2.69 -0.86 7.43
C HIS A 22 3.84 -0.33 6.57
N VAL A 23 3.84 -0.70 5.30
CA VAL A 23 4.98 -0.40 4.43
C VAL A 23 4.59 0.54 3.29
N CYS A 24 3.35 0.44 2.81
CA CYS A 24 2.93 1.14 1.59
C CYS A 24 3.04 2.67 1.69
N PRO A 25 2.43 3.32 2.71
CA PRO A 25 2.34 4.80 2.76
C PRO A 25 3.69 5.51 2.66
N GLU A 26 4.76 4.78 2.98
CA GLU A 26 6.09 5.38 2.97
C GLU A 26 6.64 5.56 1.55
N LEU A 27 6.56 4.52 0.73
CA LEU A 27 7.14 4.58 -0.62
C LEU A 27 6.09 4.59 -1.72
N CYS A 28 4.95 3.95 -1.49
CA CYS A 28 3.93 3.85 -2.52
C CYS A 28 3.17 5.16 -2.65
N GLY A 1 8.77 0.46 -7.33
CA GLY A 1 7.45 -0.18 -7.12
C GLY A 1 7.03 -0.15 -5.67
N CYS A 2 5.75 0.05 -5.42
CA CYS A 2 5.23 0.11 -4.07
C CYS A 2 5.27 -1.28 -3.43
N PRO A 3 5.22 -1.37 -2.08
CA PRO A 3 5.42 -2.64 -1.35
C PRO A 3 4.42 -3.73 -1.70
N ARG A 4 4.81 -4.94 -1.29
CA ARG A 4 4.08 -6.18 -1.60
C ARG A 4 2.55 -6.05 -1.51
N ALA A 5 2.05 -5.60 -0.36
CA ALA A 5 0.62 -5.65 -0.10
C ALA A 5 -0.11 -4.45 -0.66
N CYS A 6 0.63 -3.41 -1.02
CA CYS A 6 0.00 -2.16 -1.46
C CYS A 6 -0.63 -2.33 -2.83
N GLU A 7 -0.10 -3.28 -3.60
CA GLU A 7 -0.63 -3.55 -4.93
C GLU A 7 -1.99 -4.23 -4.84
N THR A 8 -2.18 -5.05 -3.81
CA THR A 8 -3.39 -5.84 -3.67
C THR A 8 -4.40 -5.20 -2.70
N TRP A 9 -3.90 -4.66 -1.60
CA TRP A 9 -4.76 -4.16 -0.53
C TRP A 9 -4.80 -2.64 -0.48
N CYS A 10 -4.46 -1.99 -1.59
CA CYS A 10 -4.41 -0.54 -1.61
C CYS A 10 -4.62 -0.05 -3.04
N ASN A 11 -5.29 1.09 -3.18
CA ASN A 11 -5.57 1.65 -4.49
C ASN A 11 -4.64 2.83 -4.78
N ALA A 12 -4.86 3.50 -5.91
CA ALA A 12 -4.01 4.62 -6.32
C ALA A 12 -4.05 5.77 -5.30
N GLN A 13 -5.23 6.01 -4.73
CA GLN A 13 -5.40 7.08 -3.75
C GLN A 13 -4.87 6.67 -2.38
N MET A 14 -4.16 5.54 -2.36
CA MET A 14 -3.46 5.05 -1.16
C MET A 14 -4.44 4.68 -0.06
N THR A 15 -5.63 4.25 -0.44
CA THR A 15 -6.57 3.70 0.51
C THR A 15 -6.19 2.25 0.81
N CYS A 16 -5.25 2.08 1.72
CA CYS A 16 -4.76 0.77 2.07
C CYS A 16 -5.65 0.14 3.12
N VAL A 17 -6.27 -0.98 2.78
CA VAL A 17 -7.22 -1.64 3.66
C VAL A 17 -6.52 -2.73 4.45
N GLY A 18 -5.42 -3.21 3.90
CA GLY A 18 -4.69 -4.30 4.52
C GLY A 18 -3.44 -3.84 5.23
N ILE A 19 -2.55 -4.79 5.48
CA ILE A 19 -1.30 -4.55 6.20
C ILE A 19 -0.40 -3.61 5.42
N ALA A 20 -0.71 -3.45 4.14
CA ALA A 20 -0.01 -2.51 3.26
C ALA A 20 0.13 -1.14 3.88
N GLU A 21 -0.80 -0.80 4.76
CA GLU A 21 -0.84 0.51 5.41
C GLU A 21 0.44 0.77 6.22
N HIS A 22 1.23 -0.28 6.45
CA HIS A 22 2.40 -0.13 7.32
C HIS A 22 3.64 0.14 6.50
N VAL A 23 3.65 -0.35 5.26
CA VAL A 23 4.84 -0.26 4.42
C VAL A 23 4.63 0.61 3.19
N CYS A 24 3.41 0.63 2.66
CA CYS A 24 3.13 1.36 1.42
C CYS A 24 3.52 2.84 1.51
N PRO A 25 3.06 3.59 2.53
CA PRO A 25 3.31 5.04 2.64
C PRO A 25 4.79 5.41 2.59
N GLU A 26 5.65 4.46 2.93
CA GLU A 26 7.08 4.74 3.05
C GLU A 26 7.75 4.90 1.69
N LEU A 27 7.45 4.00 0.75
CA LEU A 27 8.10 4.06 -0.56
C LEU A 27 7.14 4.45 -1.67
N CYS A 28 5.87 4.08 -1.53
CA CYS A 28 4.88 4.34 -2.57
C CYS A 28 4.62 5.84 -2.68
N GLY A 1 9.78 1.40 -5.50
CA GLY A 1 8.39 1.14 -5.95
C GLY A 1 7.45 0.92 -4.78
N CYS A 2 6.24 0.48 -5.07
CA CYS A 2 5.24 0.27 -4.04
C CYS A 2 5.36 -1.16 -3.49
N PRO A 3 5.22 -1.30 -2.16
CA PRO A 3 5.50 -2.55 -1.45
C PRO A 3 4.52 -3.68 -1.70
N ARG A 4 4.91 -4.86 -1.24
CA ARG A 4 4.21 -6.13 -1.49
C ARG A 4 2.68 -6.04 -1.43
N ALA A 5 2.16 -5.54 -0.33
CA ALA A 5 0.73 -5.60 -0.10
C ALA A 5 -0.02 -4.44 -0.75
N CYS A 6 0.70 -3.41 -1.16
CA CYS A 6 0.03 -2.20 -1.64
C CYS A 6 -0.70 -2.46 -2.95
N GLU A 7 -0.19 -3.37 -3.77
CA GLU A 7 -0.81 -3.65 -5.05
C GLU A 7 -2.20 -4.28 -4.87
N THR A 8 -2.34 -5.11 -3.84
CA THR A 8 -3.58 -5.84 -3.62
C THR A 8 -4.46 -5.17 -2.55
N TRP A 9 -3.85 -4.76 -1.45
CA TRP A 9 -4.60 -4.30 -0.29
C TRP A 9 -4.61 -2.78 -0.17
N CYS A 10 -4.31 -2.10 -1.27
CA CYS A 10 -4.27 -0.65 -1.26
C CYS A 10 -4.53 -0.11 -2.66
N ASN A 11 -5.10 1.09 -2.73
CA ASN A 11 -5.36 1.72 -4.02
C ASN A 11 -4.31 2.80 -4.29
N ALA A 12 -4.37 3.37 -5.50
CA ALA A 12 -3.40 4.37 -5.92
C ALA A 12 -3.61 5.70 -5.21
N GLN A 13 -4.66 5.79 -4.41
CA GLN A 13 -4.94 6.98 -3.63
C GLN A 13 -4.34 6.85 -2.24
N MET A 14 -3.50 5.83 -2.07
CA MET A 14 -2.79 5.59 -0.81
C MET A 14 -3.75 5.25 0.32
N THR A 15 -4.88 4.68 -0.06
CA THR A 15 -5.84 4.19 0.91
C THR A 15 -5.74 2.68 0.98
N CYS A 16 -5.15 2.17 2.05
CA CYS A 16 -4.95 0.74 2.18
C CYS A 16 -5.88 0.17 3.24
N VAL A 17 -6.30 -1.07 3.02
CA VAL A 17 -7.20 -1.74 3.92
C VAL A 17 -6.48 -2.88 4.65
N GLY A 18 -5.50 -3.46 3.99
CA GLY A 18 -4.73 -4.54 4.57
C GLY A 18 -3.45 -4.06 5.22
N ILE A 19 -2.52 -4.99 5.43
CA ILE A 19 -1.25 -4.70 6.09
C ILE A 19 -0.42 -3.70 5.29
N ALA A 20 -0.80 -3.52 4.02
CA ALA A 20 -0.17 -2.55 3.13
C ALA A 20 -0.11 -1.17 3.77
N GLU A 21 -1.01 -0.92 4.69
CA GLU A 21 -1.10 0.35 5.40
C GLU A 21 0.20 0.66 6.13
N HIS A 22 1.03 -0.35 6.36
CA HIS A 22 2.24 -0.14 7.13
C HIS A 22 3.40 0.21 6.23
N VAL A 23 3.34 -0.21 4.98
CA VAL A 23 4.48 -0.07 4.09
C VAL A 23 4.24 0.83 2.88
N CYS A 24 3.01 0.85 2.35
CA CYS A 24 2.78 1.51 1.06
C CYS A 24 3.14 3.00 1.08
N PRO A 25 2.59 3.82 2.00
CA PRO A 25 2.82 5.27 1.99
C PRO A 25 4.30 5.64 2.13
N GLU A 26 5.13 4.68 2.53
CA GLU A 26 6.53 4.94 2.77
C GLU A 26 7.37 4.83 1.49
N LEU A 27 7.25 3.72 0.75
CA LEU A 27 8.10 3.51 -0.42
C LEU A 27 7.38 3.80 -1.74
N CYS A 28 6.07 3.63 -1.76
CA CYS A 28 5.30 3.82 -2.99
C CYS A 28 5.38 5.28 -3.45
N GLY A 1 8.72 -0.35 -6.72
CA GLY A 1 7.82 0.78 -6.39
C GLY A 1 7.08 0.56 -5.09
N CYS A 2 5.77 0.46 -5.16
CA CYS A 2 4.93 0.26 -3.98
C CYS A 2 5.16 -1.14 -3.40
N PRO A 3 5.02 -1.28 -2.07
CA PRO A 3 5.35 -2.52 -1.36
C PRO A 3 4.47 -3.71 -1.69
N ARG A 4 4.90 -4.87 -1.22
CA ARG A 4 4.29 -6.18 -1.49
C ARG A 4 2.76 -6.18 -1.50
N ALA A 5 2.14 -5.73 -0.42
CA ALA A 5 0.70 -5.86 -0.27
C ALA A 5 -0.03 -4.70 -0.94
N CYS A 6 0.71 -3.67 -1.31
CA CYS A 6 0.12 -2.46 -1.87
C CYS A 6 -0.65 -2.76 -3.14
N GLU A 7 -0.28 -3.84 -3.83
CA GLU A 7 -0.91 -4.20 -5.09
C GLU A 7 -2.39 -4.55 -4.88
N THR A 8 -2.67 -5.38 -3.89
CA THR A 8 -4.01 -5.87 -3.66
C THR A 8 -4.73 -5.11 -2.53
N TRP A 9 -3.97 -4.69 -1.52
CA TRP A 9 -4.57 -4.14 -0.32
C TRP A 9 -4.47 -2.62 -0.27
N CYS A 10 -4.12 -2.00 -1.38
CA CYS A 10 -4.02 -0.55 -1.43
C CYS A 10 -4.41 -0.02 -2.80
N ASN A 11 -5.03 1.15 -2.81
CA ASN A 11 -5.48 1.76 -4.05
C ASN A 11 -4.50 2.82 -4.52
N ALA A 12 -4.69 3.32 -5.73
CA ALA A 12 -3.82 4.33 -6.31
C ALA A 12 -3.93 5.64 -5.54
N GLN A 13 -5.07 5.85 -4.91
CA GLN A 13 -5.31 7.06 -4.12
C GLN A 13 -4.56 7.01 -2.79
N MET A 14 -3.63 6.06 -2.68
CA MET A 14 -2.79 5.89 -1.49
C MET A 14 -3.62 5.40 -0.29
N THR A 15 -4.82 4.93 -0.58
CA THR A 15 -5.69 4.39 0.45
C THR A 15 -5.50 2.88 0.57
N CYS A 16 -4.88 2.44 1.65
CA CYS A 16 -4.66 1.02 1.85
C CYS A 16 -5.51 0.51 3.01
N VAL A 17 -6.06 -0.67 2.83
CA VAL A 17 -6.98 -1.25 3.80
C VAL A 17 -6.33 -2.42 4.55
N GLY A 18 -5.47 -3.15 3.86
CA GLY A 18 -4.84 -4.30 4.46
C GLY A 18 -3.55 -3.95 5.19
N ILE A 19 -2.76 -4.98 5.48
CA ILE A 19 -1.52 -4.82 6.23
C ILE A 19 -0.49 -3.97 5.49
N ALA A 20 -0.76 -3.78 4.20
CA ALA A 20 0.03 -2.90 3.34
C ALA A 20 0.22 -1.52 3.99
N GLU A 21 -0.73 -1.16 4.84
CA GLU A 21 -0.74 0.13 5.52
C GLU A 21 0.57 0.45 6.22
N HIS A 22 1.36 -0.56 6.54
CA HIS A 22 2.56 -0.34 7.33
C HIS A 22 3.74 0.01 6.44
N VAL A 23 3.63 -0.33 5.16
CA VAL A 23 4.76 -0.18 4.26
C VAL A 23 4.45 0.81 3.13
N CYS A 24 3.20 0.88 2.71
CA CYS A 24 2.81 1.70 1.54
C CYS A 24 3.14 3.18 1.70
N PRO A 25 2.66 3.86 2.77
CA PRO A 25 2.77 5.33 2.90
C PRO A 25 4.19 5.88 2.75
N GLU A 26 5.20 5.05 2.94
CA GLU A 26 6.58 5.53 2.88
C GLU A 26 7.14 5.43 1.46
N LEU A 27 7.03 4.28 0.82
CA LEU A 27 7.66 4.07 -0.48
C LEU A 27 6.69 4.25 -1.64
N CYS A 28 5.43 3.91 -1.44
CA CYS A 28 4.43 4.02 -2.49
C CYS A 28 4.08 5.48 -2.72
N GLY A 1 9.52 1.94 -6.27
CA GLY A 1 8.50 0.88 -6.37
C GLY A 1 7.65 0.78 -5.12
N CYS A 2 6.43 0.30 -5.26
CA CYS A 2 5.54 0.16 -4.13
C CYS A 2 5.68 -1.23 -3.53
N PRO A 3 5.34 -1.39 -2.24
CA PRO A 3 5.58 -2.64 -1.51
C PRO A 3 4.56 -3.74 -1.79
N ARG A 4 4.90 -4.93 -1.35
CA ARG A 4 4.18 -6.17 -1.64
C ARG A 4 2.65 -6.03 -1.58
N ALA A 5 2.12 -5.58 -0.46
CA ALA A 5 0.70 -5.65 -0.22
C ALA A 5 -0.07 -4.47 -0.81
N CYS A 6 0.65 -3.40 -1.10
CA CYS A 6 -0.02 -2.18 -1.57
C CYS A 6 -0.70 -2.39 -2.93
N GLU A 7 -0.16 -3.30 -3.74
CA GLU A 7 -0.73 -3.56 -5.05
C GLU A 7 -1.99 -4.41 -4.95
N THR A 8 -2.13 -5.15 -3.86
CA THR A 8 -3.29 -6.01 -3.67
C THR A 8 -4.32 -5.38 -2.73
N TRP A 9 -3.86 -4.79 -1.64
CA TRP A 9 -4.76 -4.33 -0.59
C TRP A 9 -4.66 -2.83 -0.36
N CYS A 10 -4.40 -2.07 -1.42
CA CYS A 10 -4.34 -0.63 -1.31
C CYS A 10 -4.64 0.00 -2.66
N ASN A 11 -5.37 1.12 -2.64
CA ASN A 11 -5.78 1.77 -3.87
C ASN A 11 -4.82 2.89 -4.24
N ALA A 12 -4.97 3.45 -5.44
CA ALA A 12 -4.07 4.49 -5.94
C ALA A 12 -4.10 5.73 -5.04
N GLN A 13 -5.26 5.97 -4.43
CA GLN A 13 -5.43 7.11 -3.53
C GLN A 13 -4.75 6.85 -2.17
N MET A 14 -3.86 5.86 -2.15
CA MET A 14 -3.13 5.48 -0.94
C MET A 14 -4.10 4.99 0.13
N THR A 15 -5.26 4.54 -0.31
CA THR A 15 -6.25 3.99 0.58
C THR A 15 -5.95 2.51 0.82
N CYS A 16 -5.08 2.25 1.78
CA CYS A 16 -4.67 0.90 2.09
C CYS A 16 -5.66 0.24 3.03
N VAL A 17 -6.13 -0.93 2.65
CA VAL A 17 -7.14 -1.65 3.41
C VAL A 17 -6.48 -2.56 4.43
N GLY A 18 -5.45 -3.27 4.00
CA GLY A 18 -4.79 -4.24 4.85
C GLY A 18 -3.50 -3.71 5.47
N ILE A 19 -2.66 -4.65 5.92
CA ILE A 19 -1.39 -4.33 6.58
C ILE A 19 -0.47 -3.55 5.66
N ALA A 20 -0.79 -3.55 4.37
CA ALA A 20 -0.14 -2.70 3.38
C ALA A 20 -0.02 -1.27 3.87
N GLU A 21 -0.93 -0.90 4.76
CA GLU A 21 -0.98 0.43 5.35
C GLU A 21 0.33 0.77 6.07
N HIS A 22 1.15 -0.24 6.36
CA HIS A 22 2.36 0.00 7.14
C HIS A 22 3.55 0.17 6.23
N VAL A 23 3.43 -0.29 5.00
CA VAL A 23 4.53 -0.28 4.08
C VAL A 23 4.30 0.60 2.86
N CYS A 24 3.05 0.71 2.40
CA CYS A 24 2.78 1.42 1.16
C CYS A 24 3.21 2.89 1.21
N PRO A 25 2.74 3.70 2.18
CA PRO A 25 3.03 5.14 2.22
C PRO A 25 4.53 5.43 2.39
N GLU A 26 5.27 4.42 2.79
CA GLU A 26 6.69 4.57 3.07
C GLU A 26 7.52 4.61 1.78
N LEU A 27 7.26 3.68 0.86
CA LEU A 27 8.04 3.64 -0.39
C LEU A 27 7.21 4.00 -1.61
N CYS A 28 5.93 3.65 -1.59
CA CYS A 28 5.06 3.90 -2.73
C CYS A 28 4.75 5.40 -2.83
N GLY A 1 8.18 -1.20 -7.34
CA GLY A 1 8.41 -0.05 -6.44
C GLY A 1 7.56 -0.11 -5.18
N CYS A 2 6.25 -0.05 -5.37
CA CYS A 2 5.32 -0.14 -4.26
C CYS A 2 5.37 -1.53 -3.64
N PRO A 3 5.40 -1.60 -2.30
CA PRO A 3 5.62 -2.84 -1.54
C PRO A 3 4.54 -3.91 -1.74
N ARG A 4 4.87 -5.11 -1.24
CA ARG A 4 4.12 -6.34 -1.49
C ARG A 4 2.60 -6.16 -1.43
N ALA A 5 2.09 -5.69 -0.31
CA ALA A 5 0.66 -5.62 -0.09
C ALA A 5 0.08 -4.34 -0.67
N CYS A 6 0.96 -3.41 -1.01
CA CYS A 6 0.55 -2.08 -1.47
C CYS A 6 -0.27 -2.16 -2.75
N GLU A 7 0.09 -3.08 -3.63
CA GLU A 7 -0.63 -3.22 -4.89
C GLU A 7 -1.82 -4.16 -4.75
N THR A 8 -1.86 -4.89 -3.64
CA THR A 8 -2.91 -5.88 -3.42
C THR A 8 -4.03 -5.37 -2.51
N TRP A 9 -3.65 -4.68 -1.44
CA TRP A 9 -4.61 -4.25 -0.43
C TRP A 9 -4.60 -2.73 -0.26
N CYS A 10 -4.24 -2.03 -1.32
CA CYS A 10 -4.16 -0.58 -1.26
C CYS A 10 -4.34 0.00 -2.66
N ASN A 11 -4.92 1.18 -2.74
CA ASN A 11 -5.15 1.85 -4.02
C ASN A 11 -4.13 2.94 -4.27
N ALA A 12 -4.23 3.61 -5.41
CA ALA A 12 -3.25 4.64 -5.80
C ALA A 12 -3.16 5.77 -4.76
N GLN A 13 -4.28 6.05 -4.09
CA GLN A 13 -4.34 7.15 -3.13
C GLN A 13 -3.66 6.79 -1.82
N MET A 14 -3.06 5.59 -1.76
CA MET A 14 -2.34 5.11 -0.59
C MET A 14 -3.28 4.89 0.59
N THR A 15 -4.57 4.79 0.29
CA THR A 15 -5.57 4.47 1.29
C THR A 15 -5.71 2.96 1.40
N CYS A 16 -4.89 2.38 2.26
CA CYS A 16 -4.78 0.94 2.36
C CYS A 16 -5.85 0.35 3.26
N VAL A 17 -6.39 -0.78 2.83
CA VAL A 17 -7.39 -1.50 3.62
C VAL A 17 -6.72 -2.64 4.39
N GLY A 18 -5.67 -3.19 3.82
CA GLY A 18 -4.98 -4.31 4.42
C GLY A 18 -3.67 -3.93 5.09
N ILE A 19 -2.83 -4.93 5.32
CA ILE A 19 -1.54 -4.77 6.01
C ILE A 19 -0.61 -3.84 5.25
N ALA A 20 -0.94 -3.60 3.99
CA ALA A 20 -0.21 -2.68 3.13
C ALA A 20 0.03 -1.33 3.81
N GLU A 21 -0.87 -0.99 4.73
CA GLU A 21 -0.84 0.29 5.43
C GLU A 21 0.51 0.54 6.11
N HIS A 22 1.28 -0.52 6.34
CA HIS A 22 2.52 -0.37 7.08
C HIS A 22 3.61 0.25 6.21
N VAL A 23 3.67 -0.17 4.96
CA VAL A 23 4.74 0.26 4.06
C VAL A 23 4.24 1.03 2.85
N CYS A 24 3.05 0.71 2.36
CA CYS A 24 2.56 1.25 1.08
C CYS A 24 2.63 2.78 1.02
N PRO A 25 1.97 3.52 1.94
CA PRO A 25 1.95 4.99 1.90
C PRO A 25 3.34 5.62 2.00
N GLU A 26 4.33 4.82 2.40
CA GLU A 26 5.68 5.30 2.62
C GLU A 26 6.52 5.27 1.35
N LEU A 27 6.56 4.13 0.67
CA LEU A 27 7.42 4.00 -0.51
C LEU A 27 6.65 4.13 -1.82
N CYS A 28 5.36 3.84 -1.81
CA CYS A 28 4.57 3.92 -3.02
C CYS A 28 4.29 5.38 -3.37
N GLY A 1 8.59 0.77 -6.79
CA GLY A 1 8.61 1.57 -5.54
C GLY A 1 7.61 1.07 -4.51
N CYS A 2 6.37 0.87 -4.93
CA CYS A 2 5.30 0.45 -4.03
C CYS A 2 5.49 -1.01 -3.59
N PRO A 3 5.46 -1.23 -2.26
CA PRO A 3 5.67 -2.55 -1.64
C PRO A 3 4.58 -3.60 -1.89
N ARG A 4 4.90 -4.79 -1.42
CA ARG A 4 4.12 -6.02 -1.59
C ARG A 4 2.60 -5.83 -1.56
N ALA A 5 2.10 -5.26 -0.48
CA ALA A 5 0.69 -5.29 -0.21
C ALA A 5 -0.04 -4.15 -0.90
N CYS A 6 0.70 -3.18 -1.41
CA CYS A 6 0.10 -2.04 -2.10
C CYS A 6 -0.83 -2.49 -3.22
N GLU A 7 -0.44 -3.54 -3.94
CA GLU A 7 -1.22 -3.97 -5.09
C GLU A 7 -2.46 -4.77 -4.66
N THR A 8 -2.39 -5.40 -3.50
CA THR A 8 -3.44 -6.31 -3.06
C THR A 8 -4.39 -5.65 -2.05
N TRP A 9 -3.84 -4.84 -1.16
CA TRP A 9 -4.62 -4.29 -0.05
C TRP A 9 -4.65 -2.77 -0.07
N CYS A 10 -4.43 -2.19 -1.23
CA CYS A 10 -4.40 -0.75 -1.32
C CYS A 10 -4.73 -0.27 -2.73
N ASN A 11 -5.26 0.92 -2.82
CA ASN A 11 -5.46 1.59 -4.09
C ASN A 11 -4.36 2.63 -4.27
N ALA A 12 -3.93 2.82 -5.51
CA ALA A 12 -2.82 3.72 -5.82
C ALA A 12 -3.18 5.17 -5.50
N GLN A 13 -4.42 5.40 -5.11
CA GLN A 13 -4.89 6.73 -4.72
C GLN A 13 -4.62 6.96 -3.22
N MET A 14 -3.67 6.21 -2.68
CA MET A 14 -3.29 6.31 -1.26
C MET A 14 -4.44 5.86 -0.36
N THR A 15 -5.02 4.72 -0.70
CA THR A 15 -6.12 4.18 0.08
C THR A 15 -5.86 2.71 0.38
N CYS A 16 -5.16 2.46 1.49
CA CYS A 16 -4.86 1.09 1.89
C CYS A 16 -5.70 0.69 3.09
N VAL A 17 -6.04 -0.58 3.16
CA VAL A 17 -6.85 -1.09 4.27
C VAL A 17 -6.14 -2.25 4.97
N GLY A 18 -5.50 -3.09 4.16
CA GLY A 18 -4.81 -4.25 4.70
C GLY A 18 -3.41 -3.93 5.18
N ILE A 19 -2.58 -4.95 5.29
CA ILE A 19 -1.22 -4.85 5.79
C ILE A 19 -0.39 -3.85 5.00
N ALA A 20 -0.88 -3.51 3.82
CA ALA A 20 -0.28 -2.50 2.97
C ALA A 20 -0.01 -1.21 3.74
N GLU A 21 -0.88 -0.90 4.68
CA GLU A 21 -0.79 0.35 5.41
C GLU A 21 0.50 0.41 6.24
N HIS A 22 1.18 -0.73 6.39
CA HIS A 22 2.37 -0.77 7.22
C HIS A 22 3.59 -0.40 6.38
N VAL A 23 3.51 -0.68 5.08
CA VAL A 23 4.66 -0.48 4.19
C VAL A 23 4.41 0.56 3.10
N CYS A 24 3.17 0.65 2.60
CA CYS A 24 2.87 1.49 1.45
C CYS A 24 3.23 2.97 1.64
N PRO A 25 2.73 3.65 2.71
CA PRO A 25 2.90 5.11 2.85
C PRO A 25 4.34 5.60 2.72
N GLU A 26 5.30 4.76 3.10
CA GLU A 26 6.71 5.15 3.09
C GLU A 26 7.31 5.09 1.68
N LEU A 27 7.16 3.97 1.00
CA LEU A 27 7.86 3.76 -0.27
C LEU A 27 6.97 3.97 -1.49
N CYS A 28 5.68 3.79 -1.33
CA CYS A 28 4.74 3.96 -2.46
C CYS A 28 4.47 5.44 -2.68
N GLY A 1 8.11 0.28 -7.06
CA GLY A 1 8.14 1.34 -6.02
C GLY A 1 7.22 1.02 -4.86
N CYS A 2 6.03 0.54 -5.16
CA CYS A 2 5.06 0.21 -4.14
C CYS A 2 5.33 -1.19 -3.58
N PRO A 3 5.19 -1.37 -2.26
CA PRO A 3 5.56 -2.60 -1.56
C PRO A 3 4.60 -3.77 -1.80
N ARG A 4 5.05 -4.94 -1.35
CA ARG A 4 4.39 -6.22 -1.59
C ARG A 4 2.86 -6.18 -1.50
N ALA A 5 2.33 -5.73 -0.37
CA ALA A 5 0.92 -5.86 -0.10
C ALA A 5 0.11 -4.71 -0.68
N CYS A 6 0.79 -3.64 -1.07
CA CYS A 6 0.10 -2.44 -1.54
C CYS A 6 -0.69 -2.73 -2.81
N GLU A 7 -0.14 -3.60 -3.65
CA GLU A 7 -0.79 -3.93 -4.91
C GLU A 7 -2.11 -4.66 -4.68
N THR A 8 -2.25 -5.25 -3.50
CA THR A 8 -3.43 -6.02 -3.16
C THR A 8 -4.39 -5.20 -2.28
N TRP A 9 -3.85 -4.48 -1.31
CA TRP A 9 -4.68 -3.87 -0.27
C TRP A 9 -4.62 -2.34 -0.28
N CYS A 10 -4.22 -1.75 -1.39
CA CYS A 10 -4.13 -0.31 -1.46
C CYS A 10 -4.24 0.17 -2.89
N ASN A 11 -4.78 1.37 -3.08
CA ASN A 11 -4.93 1.95 -4.41
C ASN A 11 -3.86 2.99 -4.67
N ALA A 12 -3.94 3.68 -5.81
CA ALA A 12 -2.96 4.72 -6.14
C ALA A 12 -3.15 5.96 -5.26
N GLN A 13 -4.31 6.08 -4.65
CA GLN A 13 -4.62 7.22 -3.79
C GLN A 13 -4.09 6.98 -2.38
N MET A 14 -3.31 5.92 -2.23
CA MET A 14 -2.70 5.55 -0.96
C MET A 14 -3.77 5.26 0.09
N THR A 15 -4.89 4.73 -0.36
CA THR A 15 -5.97 4.32 0.53
C THR A 15 -5.81 2.83 0.86
N CYS A 16 -4.92 2.54 1.78
CA CYS A 16 -4.58 1.18 2.14
C CYS A 16 -5.51 0.65 3.23
N VAL A 17 -5.97 -0.59 3.06
CA VAL A 17 -6.87 -1.20 4.04
C VAL A 17 -6.13 -2.27 4.84
N GLY A 18 -5.55 -3.23 4.12
CA GLY A 18 -4.89 -4.35 4.75
C GLY A 18 -3.51 -3.98 5.28
N ILE A 19 -2.69 -5.02 5.49
CA ILE A 19 -1.36 -4.88 6.09
C ILE A 19 -0.47 -3.95 5.27
N ALA A 20 -0.86 -3.74 4.03
CA ALA A 20 -0.19 -2.82 3.13
C ALA A 20 -0.03 -1.44 3.74
N GLU A 21 -0.91 -1.10 4.69
CA GLU A 21 -0.91 0.22 5.32
C GLU A 21 0.39 0.48 6.07
N HIS A 22 1.17 -0.57 6.34
CA HIS A 22 2.37 -0.41 7.14
C HIS A 22 3.55 -0.05 6.26
N VAL A 23 3.49 -0.44 4.99
CA VAL A 23 4.60 -0.21 4.09
C VAL A 23 4.24 0.68 2.89
N CYS A 24 3.01 0.61 2.40
CA CYS A 24 2.66 1.31 1.17
C CYS A 24 2.79 2.83 1.27
N PRO A 25 2.19 3.47 2.32
CA PRO A 25 2.25 4.94 2.45
C PRO A 25 3.67 5.48 2.54
N GLU A 26 4.63 4.61 2.79
CA GLU A 26 6.02 5.00 2.93
C GLU A 26 6.72 5.11 1.57
N LEU A 27 6.63 4.08 0.74
CA LEU A 27 7.38 4.07 -0.53
C LEU A 27 6.50 4.32 -1.75
N CYS A 28 5.27 3.86 -1.72
CA CYS A 28 4.40 3.94 -2.90
C CYS A 28 4.00 5.38 -3.18
N GLY A 1 8.71 1.33 -6.16
CA GLY A 1 8.09 0.00 -5.96
C GLY A 1 7.26 -0.06 -4.70
N CYS A 2 5.96 0.11 -4.82
CA CYS A 2 5.06 0.03 -3.69
C CYS A 2 5.02 -1.41 -3.14
N PRO A 3 5.17 -1.56 -1.81
CA PRO A 3 5.33 -2.84 -1.13
C PRO A 3 4.38 -3.97 -1.55
N ARG A 4 4.80 -5.18 -1.18
CA ARG A 4 4.15 -6.44 -1.56
C ARG A 4 2.62 -6.39 -1.55
N ALA A 5 2.05 -6.02 -0.42
CA ALA A 5 0.60 -6.11 -0.23
C ALA A 5 -0.10 -4.91 -0.82
N CYS A 6 0.67 -3.88 -1.16
CA CYS A 6 0.11 -2.60 -1.58
C CYS A 6 -0.66 -2.75 -2.90
N GLU A 7 -0.14 -3.57 -3.80
CA GLU A 7 -0.78 -3.74 -5.10
C GLU A 7 -2.13 -4.43 -4.96
N THR A 8 -2.31 -5.17 -3.88
CA THR A 8 -3.55 -5.89 -3.64
C THR A 8 -4.46 -5.16 -2.67
N TRP A 9 -3.88 -4.60 -1.61
CA TRP A 9 -4.66 -4.04 -0.51
C TRP A 9 -4.46 -2.55 -0.36
N CYS A 10 -4.33 -1.86 -1.48
CA CYS A 10 -4.20 -0.42 -1.45
C CYS A 10 -4.81 0.18 -2.71
N ASN A 11 -5.60 1.23 -2.53
CA ASN A 11 -6.30 1.87 -3.61
C ASN A 11 -5.41 2.91 -4.26
N ALA A 12 -5.71 3.23 -5.52
CA ALA A 12 -4.87 4.11 -6.33
C ALA A 12 -4.80 5.51 -5.75
N GLN A 13 -5.64 5.80 -4.78
CA GLN A 13 -5.64 7.11 -4.12
C GLN A 13 -4.66 7.10 -2.96
N MET A 14 -3.71 6.15 -2.97
CA MET A 14 -2.71 6.00 -1.90
C MET A 14 -3.39 5.60 -0.60
N THR A 15 -4.53 4.93 -0.72
CA THR A 15 -5.30 4.51 0.43
C THR A 15 -5.11 3.01 0.67
N CYS A 16 -4.14 2.67 1.50
CA CYS A 16 -3.85 1.30 1.81
C CYS A 16 -4.71 0.81 2.97
N VAL A 17 -5.50 -0.22 2.73
CA VAL A 17 -6.45 -0.72 3.71
C VAL A 17 -5.91 -1.97 4.42
N GLY A 18 -5.17 -2.80 3.69
CA GLY A 18 -4.65 -4.02 4.25
C GLY A 18 -3.32 -3.85 4.95
N ILE A 19 -2.61 -4.95 5.15
CA ILE A 19 -1.34 -4.95 5.86
C ILE A 19 -0.30 -4.07 5.17
N ALA A 20 -0.57 -3.76 3.91
CA ALA A 20 0.25 -2.85 3.12
C ALA A 20 0.35 -1.48 3.79
N GLU A 21 -0.63 -1.17 4.61
CA GLU A 21 -0.71 0.12 5.29
C GLU A 21 0.50 0.35 6.19
N HIS A 22 1.26 -0.70 6.48
CA HIS A 22 2.36 -0.56 7.40
C HIS A 22 3.59 0.00 6.69
N VAL A 23 3.77 -0.36 5.43
CA VAL A 23 4.97 0.01 4.71
C VAL A 23 4.70 0.90 3.51
N CYS A 24 3.56 0.70 2.84
CA CYS A 24 3.36 1.33 1.53
C CYS A 24 3.14 2.84 1.57
N PRO A 25 2.35 3.40 2.51
CA PRO A 25 2.15 4.86 2.58
C PRO A 25 3.46 5.65 2.53
N GLU A 26 4.53 5.03 2.99
CA GLU A 26 5.83 5.68 3.03
C GLU A 26 6.63 5.47 1.74
N LEU A 27 6.28 4.44 0.96
CA LEU A 27 7.06 4.09 -0.22
C LEU A 27 6.35 4.46 -1.51
N CYS A 28 5.02 4.35 -1.51
CA CYS A 28 4.23 4.52 -2.71
C CYS A 28 4.12 5.99 -3.09
N GLY A 1 9.07 0.91 -6.44
CA GLY A 1 8.02 1.90 -6.14
C GLY A 1 7.18 1.51 -4.94
N CYS A 2 6.03 0.90 -5.20
CA CYS A 2 5.11 0.53 -4.15
C CYS A 2 5.40 -0.89 -3.65
N PRO A 3 5.15 -1.14 -2.36
CA PRO A 3 5.51 -2.40 -1.68
C PRO A 3 4.56 -3.55 -1.91
N ARG A 4 5.00 -4.72 -1.45
CA ARG A 4 4.34 -6.01 -1.63
C ARG A 4 2.82 -5.95 -1.50
N ALA A 5 2.33 -5.47 -0.38
CA ALA A 5 0.90 -5.57 -0.07
C ALA A 5 0.09 -4.45 -0.70
N CYS A 6 0.76 -3.40 -1.16
CA CYS A 6 0.05 -2.23 -1.64
C CYS A 6 -0.72 -2.56 -2.91
N GLU A 7 -0.23 -3.53 -3.68
CA GLU A 7 -0.92 -3.93 -4.89
C GLU A 7 -2.20 -4.70 -4.56
N THR A 8 -2.20 -5.36 -3.41
CA THR A 8 -3.29 -6.24 -3.03
C THR A 8 -4.32 -5.53 -2.13
N TRP A 9 -3.85 -4.76 -1.16
CA TRP A 9 -4.73 -4.21 -0.14
C TRP A 9 -4.73 -2.69 -0.13
N CYS A 10 -4.35 -2.08 -1.24
CA CYS A 10 -4.25 -0.62 -1.29
C CYS A 10 -4.41 -0.13 -2.72
N ASN A 11 -4.83 1.12 -2.87
CA ASN A 11 -4.92 1.73 -4.19
C ASN A 11 -3.76 2.70 -4.41
N ALA A 12 -3.75 3.37 -5.55
CA ALA A 12 -2.68 4.30 -5.89
C ALA A 12 -2.63 5.49 -4.93
N GLN A 13 -3.78 5.84 -4.37
CA GLN A 13 -3.89 6.98 -3.48
C GLN A 13 -3.50 6.63 -2.05
N MET A 14 -2.86 5.45 -1.89
CA MET A 14 -2.34 5.00 -0.61
C MET A 14 -3.45 4.77 0.41
N THR A 15 -4.66 4.53 -0.07
CA THR A 15 -5.77 4.19 0.80
C THR A 15 -5.74 2.69 1.08
N CYS A 16 -4.89 2.29 2.00
CA CYS A 16 -4.67 0.89 2.27
C CYS A 16 -5.62 0.40 3.36
N VAL A 17 -6.36 -0.66 3.04
CA VAL A 17 -7.28 -1.26 4.00
C VAL A 17 -6.61 -2.43 4.73
N GLY A 18 -5.73 -3.13 4.03
CA GLY A 18 -5.04 -4.26 4.61
C GLY A 18 -3.66 -3.91 5.13
N ILE A 19 -2.84 -4.94 5.33
CA ILE A 19 -1.51 -4.81 5.92
C ILE A 19 -0.61 -3.85 5.14
N ALA A 20 -1.00 -3.59 3.91
CA ALA A 20 -0.33 -2.64 3.05
C ALA A 20 -0.16 -1.27 3.70
N GLU A 21 -1.04 -0.98 4.66
CA GLU A 21 -1.07 0.32 5.32
C GLU A 21 0.24 0.66 6.03
N HIS A 22 1.06 -0.34 6.31
CA HIS A 22 2.26 -0.09 7.08
C HIS A 22 3.44 0.17 6.14
N VAL A 23 3.31 -0.30 4.91
CA VAL A 23 4.42 -0.25 3.98
C VAL A 23 4.15 0.62 2.76
N CYS A 24 2.90 0.68 2.29
CA CYS A 24 2.63 1.37 1.03
C CYS A 24 2.98 2.86 1.09
N PRO A 25 2.41 3.65 2.02
CA PRO A 25 2.65 5.11 2.09
C PRO A 25 4.13 5.46 2.26
N GLU A 26 4.92 4.48 2.64
CA GLU A 26 6.33 4.70 2.92
C GLU A 26 7.15 4.80 1.62
N LEU A 27 6.95 3.87 0.70
CA LEU A 27 7.73 3.86 -0.54
C LEU A 27 6.89 4.21 -1.76
N CYS A 28 5.62 3.84 -1.74
CA CYS A 28 4.74 4.05 -2.89
C CYS A 28 4.57 5.53 -3.19
N GLY A 1 7.59 1.97 -7.14
CA GLY A 1 7.89 0.67 -6.49
C GLY A 1 7.12 0.50 -5.19
N CYS A 2 5.81 0.42 -5.29
CA CYS A 2 4.96 0.25 -4.11
C CYS A 2 5.14 -1.16 -3.55
N PRO A 3 5.02 -1.30 -2.22
CA PRO A 3 5.36 -2.53 -1.50
C PRO A 3 4.39 -3.68 -1.73
N ARG A 4 4.82 -4.85 -1.28
CA ARG A 4 4.12 -6.12 -1.47
C ARG A 4 2.61 -6.03 -1.32
N ALA A 5 2.15 -5.54 -0.18
CA ALA A 5 0.74 -5.56 0.14
C ALA A 5 0.00 -4.37 -0.46
N CYS A 6 0.71 -3.32 -0.83
CA CYS A 6 0.04 -2.12 -1.31
C CYS A 6 -0.44 -2.31 -2.74
N GLU A 7 0.08 -3.33 -3.41
CA GLU A 7 -0.33 -3.63 -4.76
C GLU A 7 -1.72 -4.28 -4.74
N THR A 8 -1.98 -5.08 -3.70
CA THR A 8 -3.24 -5.80 -3.60
C THR A 8 -4.22 -5.11 -2.63
N TRP A 9 -3.73 -4.68 -1.48
CA TRP A 9 -4.60 -4.20 -0.41
C TRP A 9 -4.68 -2.67 -0.38
N CYS A 10 -4.38 -2.04 -1.50
CA CYS A 10 -4.43 -0.59 -1.58
C CYS A 10 -4.65 -0.14 -3.01
N ASN A 11 -5.36 0.97 -3.17
CA ASN A 11 -5.62 1.52 -4.50
C ASN A 11 -4.73 2.74 -4.77
N ALA A 12 -4.81 3.28 -5.98
CA ALA A 12 -3.93 4.37 -6.39
C ALA A 12 -4.02 5.58 -5.45
N GLN A 13 -5.22 5.89 -4.99
CA GLN A 13 -5.44 7.02 -4.09
C GLN A 13 -4.89 6.76 -2.69
N MET A 14 -4.10 5.69 -2.55
CA MET A 14 -3.40 5.36 -1.31
C MET A 14 -4.40 4.99 -0.21
N THR A 15 -5.58 4.58 -0.63
CA THR A 15 -6.62 4.16 0.29
C THR A 15 -6.42 2.70 0.65
N CYS A 16 -5.40 2.43 1.46
CA CYS A 16 -5.06 1.07 1.82
C CYS A 16 -5.91 0.60 2.98
N VAL A 17 -6.27 -0.67 2.96
CA VAL A 17 -7.12 -1.24 3.98
C VAL A 17 -6.39 -2.37 4.70
N GLY A 18 -5.58 -3.10 3.96
CA GLY A 18 -4.88 -4.24 4.51
C GLY A 18 -3.54 -3.87 5.13
N ILE A 19 -2.71 -4.90 5.30
CA ILE A 19 -1.40 -4.79 5.94
C ILE A 19 -0.48 -3.83 5.20
N ALA A 20 -0.87 -3.55 3.96
CA ALA A 20 -0.18 -2.59 3.10
C ALA A 20 0.19 -1.31 3.83
N GLU A 21 -0.68 -0.91 4.76
CA GLU A 21 -0.51 0.36 5.46
C GLU A 21 0.79 0.40 6.26
N HIS A 22 1.43 -0.75 6.45
CA HIS A 22 2.68 -0.80 7.18
C HIS A 22 3.81 -0.21 6.36
N VAL A 23 3.82 -0.55 5.07
CA VAL A 23 4.94 -0.17 4.21
C VAL A 23 4.56 0.77 3.08
N CYS A 24 3.29 0.76 2.66
CA CYS A 24 2.88 1.54 1.50
C CYS A 24 3.22 3.03 1.63
N PRO A 25 2.85 3.71 2.74
CA PRO A 25 3.10 5.16 2.89
C PRO A 25 4.58 5.53 2.81
N GLU A 26 5.46 4.55 2.91
CA GLU A 26 6.89 4.81 2.94
C GLU A 26 7.51 4.80 1.54
N LEU A 27 7.26 3.75 0.76
CA LEU A 27 7.92 3.62 -0.55
C LEU A 27 7.00 3.93 -1.72
N CYS A 28 5.71 3.66 -1.56
CA CYS A 28 4.76 3.88 -2.65
C CYS A 28 4.56 5.37 -2.89
#